data_1P74
#
_entry.id   1P74
#
_cell.length_a   78.220
_cell.length_b   86.580
_cell.length_c   92.919
_cell.angle_alpha   90.00
_cell.angle_beta   90.00
_cell.angle_gamma   90.00
#
_symmetry.space_group_name_H-M   'P 21 21 21'
#
loop_
_entity.id
_entity.type
_entity.pdbx_description
1 polymer 'Shikimate 5-dehydrogenase'
2 water water
#
_entity_poly.entity_id   1
_entity_poly.type   'polypeptide(L)'
_entity_poly.pdbx_seq_one_letter_code
;MDLYAVWGNPIAQSKSPLIQNKLAAQTHQTMEYIAKLGDLDAFEQQLLAFFEEGAKGCNITSPFKERAYQLADEYSQRAK
LAEACNTLKKLDDGKLYADNTDGIGLVTDLQRLNWLRPNQHVLILGAGGATKGVLLPLLQAQQNIVLANRTFSKTKELAE
RFQPYGNIQAVSMDSIPLQTYDLVINATSAGLSGGTASVDAEILKLGSAFYDMQYAKGTDTPFIALCKSLGLTNVSDGFG
MLVAQAAHSFHLWRGVMPDFVSVYEQLKKAML
;
_entity_poly.pdbx_strand_id   A,B
#
# COMPACT_ATOMS: atom_id res chain seq x y z
N MET A 1 7.20 31.12 -42.30
CA MET A 1 7.49 30.90 -40.86
C MET A 1 6.23 30.65 -40.03
N ASP A 2 6.01 29.39 -39.66
CA ASP A 2 4.91 29.04 -38.77
C ASP A 2 5.16 29.68 -37.39
N LEU A 3 4.14 30.34 -36.85
CA LEU A 3 4.25 31.04 -35.56
C LEU A 3 3.66 30.25 -34.40
N TYR A 4 4.40 30.19 -33.30
CA TYR A 4 3.89 29.55 -32.12
C TYR A 4 4.18 30.48 -30.95
N ALA A 5 3.48 30.26 -29.84
CA ALA A 5 3.72 31.09 -28.70
C ALA A 5 3.34 30.42 -27.42
N VAL A 6 3.77 31.02 -26.32
CA VAL A 6 3.33 30.63 -25.01
C VAL A 6 2.49 31.81 -24.52
N TRP A 7 1.28 31.50 -24.07
CA TRP A 7 0.37 32.52 -23.56
C TRP A 7 0.26 32.42 -22.03
N GLY A 8 0.58 33.53 -21.36
CA GLY A 8 0.52 33.58 -19.91
C GLY A 8 0.44 35.01 -19.37
N ASN A 9 0.38 35.12 -18.05
CA ASN A 9 0.34 36.41 -17.36
C ASN A 9 0.58 36.17 -15.88
N PRO A 10 1.79 36.41 -15.40
CA PRO A 10 2.89 36.94 -16.21
C PRO A 10 3.51 35.91 -17.15
N ILE A 11 4.34 36.34 -18.09
CA ILE A 11 4.93 35.42 -19.05
C ILE A 11 6.44 35.62 -19.25
N ALA A 12 6.95 36.76 -18.81
CA ALA A 12 8.35 37.13 -19.00
C ALA A 12 9.31 36.14 -18.34
N GLN A 13 8.81 35.30 -17.46
CA GLN A 13 9.70 34.35 -16.80
C GLN A 13 9.75 33.00 -17.52
N SER A 14 8.92 32.83 -18.55
CA SER A 14 8.82 31.57 -19.27
C SER A 14 10.10 31.20 -20.01
N LYS A 15 10.48 29.94 -19.93
CA LYS A 15 11.65 29.48 -20.64
C LYS A 15 11.21 28.74 -21.90
N SER A 16 9.92 28.68 -22.13
CA SER A 16 9.40 28.00 -23.32
C SER A 16 10.07 28.49 -24.60
N PRO A 17 10.05 29.79 -24.83
CA PRO A 17 10.64 30.34 -26.05
C PRO A 17 12.08 29.87 -26.22
N LEU A 18 12.82 29.80 -25.14
CA LEU A 18 14.21 29.37 -25.23
C LEU A 18 14.31 27.88 -25.57
N ILE A 19 13.46 27.08 -24.97
CA ILE A 19 13.50 25.65 -25.23
C ILE A 19 12.97 25.31 -26.61
N GLN A 20 11.86 25.93 -26.99
CA GLN A 20 11.24 25.61 -28.28
C GLN A 20 12.11 25.99 -29.46
N ASN A 21 12.69 27.17 -29.42
CA ASN A 21 13.54 27.60 -30.52
C ASN A 21 14.74 26.68 -30.68
N LYS A 22 15.25 26.16 -29.57
CA LYS A 22 16.33 25.18 -29.63
C LYS A 22 15.82 23.88 -30.27
N LEU A 23 14.62 23.46 -29.87
CA LEU A 23 14.08 22.24 -30.42
C LEU A 23 13.87 22.38 -31.94
N ALA A 24 13.48 23.58 -32.36
CA ALA A 24 13.21 23.84 -33.76
C ALA A 24 14.50 23.80 -34.57
N ALA A 25 15.55 24.35 -33.99
CA ALA A 25 16.84 24.40 -34.65
C ALA A 25 17.41 23.01 -34.82
N GLN A 26 17.31 22.18 -33.79
CA GLN A 26 17.90 20.86 -33.86
C GLN A 26 17.20 19.96 -34.87
N THR A 27 15.92 20.23 -35.13
CA THR A 27 15.20 19.44 -36.12
C THR A 27 14.95 20.19 -37.43
N HIS A 28 15.59 21.34 -37.59
CA HIS A 28 15.53 22.09 -38.85
C HIS A 28 14.13 22.55 -39.25
N GLN A 29 13.31 22.94 -38.28
CA GLN A 29 11.96 23.39 -38.56
C GLN A 29 11.92 24.90 -38.79
N THR A 30 11.30 25.31 -39.90
CA THR A 30 11.11 26.72 -40.17
C THR A 30 9.97 27.26 -39.32
N MET A 31 10.28 27.61 -38.08
CA MET A 31 9.26 28.09 -37.16
C MET A 31 9.86 29.08 -36.17
N GLU A 32 9.00 29.85 -35.52
CA GLU A 32 9.46 30.77 -34.50
C GLU A 32 8.49 30.65 -33.34
N TYR A 33 8.97 30.97 -32.15
CA TYR A 33 8.16 30.82 -30.96
C TYR A 33 8.36 32.04 -30.08
N ILE A 34 7.27 32.74 -29.77
CA ILE A 34 7.37 33.93 -28.94
C ILE A 34 6.48 33.85 -27.71
N ALA A 35 6.80 34.66 -26.71
CA ALA A 35 6.01 34.75 -25.50
C ALA A 35 5.01 35.86 -25.73
N LYS A 36 3.75 35.61 -25.39
CA LYS A 36 2.69 36.58 -25.56
C LYS A 36 1.99 36.77 -24.23
N LEU A 37 1.85 38.02 -23.82
CA LEU A 37 1.23 38.33 -22.53
C LEU A 37 -0.25 38.57 -22.72
N GLY A 38 -1.06 37.64 -22.20
CA GLY A 38 -2.51 37.75 -22.34
C GLY A 38 -3.15 38.67 -21.33
N ASP A 39 -4.06 39.51 -21.81
CA ASP A 39 -4.81 40.42 -20.94
C ASP A 39 -5.77 39.60 -20.08
N LEU A 40 -5.75 39.87 -18.78
CA LEU A 40 -6.59 39.12 -17.82
C LEU A 40 -8.06 38.98 -18.18
N ASP A 41 -8.57 39.85 -19.05
CA ASP A 41 -9.98 39.79 -19.42
C ASP A 41 -10.20 39.46 -20.90
N ALA A 42 -9.34 40.01 -21.75
CA ALA A 42 -9.49 39.83 -23.19
C ALA A 42 -8.61 38.72 -23.78
N PHE A 43 -8.02 37.92 -22.93
CA PHE A 43 -7.23 36.79 -23.34
C PHE A 43 -7.79 36.04 -24.57
N GLU A 44 -8.97 35.57 -24.48
CA GLU A 44 -9.74 34.62 -25.19
C GLU A 44 -9.92 35.09 -26.65
N GLN A 45 -10.33 36.33 -26.70
CA GLN A 45 -10.52 37.08 -27.91
C GLN A 45 -9.19 37.42 -28.52
N GLN A 46 -8.14 37.51 -27.73
CA GLN A 46 -6.79 37.70 -28.24
C GLN A 46 -6.24 36.40 -28.85
N LEU A 47 -6.56 35.27 -28.22
CA LEU A 47 -6.08 33.98 -28.67
C LEU A 47 -6.67 33.63 -30.02
N LEU A 48 -7.97 33.91 -30.16
CA LEU A 48 -8.69 33.64 -31.39
C LEU A 48 -8.20 34.50 -32.56
N ALA A 49 -7.93 35.77 -32.28
CA ALA A 49 -7.40 36.66 -33.30
C ALA A 49 -6.08 36.09 -33.78
N PHE A 50 -5.23 35.80 -32.80
CA PHE A 50 -3.91 35.22 -32.97
C PHE A 50 -3.95 34.01 -33.91
N PHE A 51 -4.90 33.11 -33.69
CA PHE A 51 -5.02 31.95 -34.56
C PHE A 51 -5.58 32.41 -35.90
N GLU A 52 -6.41 33.45 -35.85
CA GLU A 52 -7.02 33.99 -37.05
C GLU A 52 -5.98 34.54 -38.01
N GLU A 53 -4.91 35.12 -37.47
CA GLU A 53 -3.85 35.64 -38.34
C GLU A 53 -2.80 34.61 -38.75
N GLY A 54 -3.01 33.34 -38.39
CA GLY A 54 -2.11 32.31 -38.88
C GLY A 54 -1.27 31.46 -37.94
N ALA A 55 -1.21 31.83 -36.66
CA ALA A 55 -0.45 31.02 -35.70
C ALA A 55 -0.91 29.57 -35.81
N LYS A 56 0.02 28.63 -35.70
CA LYS A 56 -0.30 27.21 -35.82
C LYS A 56 -0.53 26.54 -34.49
N GLY A 57 -0.14 27.18 -33.40
CA GLY A 57 -0.31 26.60 -32.09
C GLY A 57 0.39 27.37 -30.99
N CYS A 58 0.20 26.94 -29.76
CA CYS A 58 0.85 27.62 -28.65
C CYS A 58 0.78 26.81 -27.37
N ASN A 59 1.52 27.29 -26.37
CA ASN A 59 1.47 26.77 -25.01
C ASN A 59 0.66 27.73 -24.13
N ILE A 60 0.14 27.23 -23.01
CA ILE A 60 -0.66 28.02 -22.10
C ILE A 60 -0.23 27.81 -20.66
N THR A 61 -0.08 28.89 -19.90
CA THR A 61 0.21 28.79 -18.48
C THR A 61 -0.79 29.59 -17.66
N SER A 62 -0.53 29.73 -16.37
CA SER A 62 -1.44 30.48 -15.50
C SER A 62 -1.51 31.92 -15.97
N PRO A 63 -2.71 32.48 -15.95
CA PRO A 63 -3.89 31.80 -15.43
C PRO A 63 -4.86 31.37 -16.53
N PHE A 64 -4.36 30.87 -17.66
CA PHE A 64 -5.25 30.62 -18.77
C PHE A 64 -5.53 29.16 -19.14
N LYS A 65 -4.96 28.22 -18.41
CA LYS A 65 -5.10 26.82 -18.80
C LYS A 65 -6.55 26.35 -18.94
N GLU A 66 -7.36 26.60 -17.92
CA GLU A 66 -8.75 26.15 -17.93
C GLU A 66 -9.55 26.89 -19.00
N ARG A 67 -9.25 28.18 -19.18
CA ARG A 67 -9.94 29.01 -20.15
C ARG A 67 -9.58 28.61 -21.59
N ALA A 68 -8.32 28.26 -21.82
CA ALA A 68 -7.87 27.83 -23.14
C ALA A 68 -8.54 26.51 -23.52
N TYR A 69 -8.61 25.60 -22.56
CA TYR A 69 -9.24 24.31 -22.77
C TYR A 69 -10.70 24.43 -23.23
N GLN A 70 -11.44 25.37 -22.65
CA GLN A 70 -12.85 25.54 -22.99
C GLN A 70 -13.07 26.16 -24.38
N LEU A 71 -11.99 26.61 -25.01
CA LEU A 71 -12.08 27.19 -26.34
C LEU A 71 -11.87 26.12 -27.41
N ALA A 72 -11.24 25.02 -27.07
CA ALA A 72 -10.97 23.95 -27.99
C ALA A 72 -12.24 23.29 -28.59
N ASP A 73 -12.15 22.70 -29.72
CA ASP A 73 -13.14 22.03 -30.59
C ASP A 73 -12.98 20.54 -30.28
N GLU A 74 -11.73 20.24 -30.20
CA GLU A 74 -11.20 18.93 -30.13
C GLU A 74 -10.21 18.82 -29.04
N TYR A 75 -10.19 17.74 -28.32
CA TYR A 75 -9.23 17.62 -27.22
C TYR A 75 -8.93 16.19 -26.81
N SER A 76 -7.76 15.97 -26.23
CA SER A 76 -7.31 14.63 -25.82
C SER A 76 -7.82 14.21 -24.45
N GLN A 77 -7.62 12.93 -24.12
CA GLN A 77 -8.00 12.41 -22.82
C GLN A 77 -7.25 13.13 -21.68
N ARG A 78 -5.99 13.48 -21.93
CA ARG A 78 -5.22 14.20 -20.90
C ARG A 78 -5.86 15.55 -20.61
N ALA A 79 -6.30 16.23 -21.65
CA ALA A 79 -6.88 17.55 -21.45
C ALA A 79 -8.18 17.44 -20.67
N LYS A 80 -9.03 16.50 -21.08
CA LYS A 80 -10.31 16.34 -20.41
C LYS A 80 -10.23 16.01 -18.92
N LEU A 81 -9.22 15.24 -18.52
CA LEU A 81 -9.13 14.83 -17.12
C LEU A 81 -8.65 15.92 -16.18
N ALA A 82 -7.75 16.78 -16.67
CA ALA A 82 -7.25 17.87 -15.85
C ALA A 82 -8.16 19.07 -15.99
N GLU A 83 -9.15 18.95 -16.88
CA GLU A 83 -10.09 20.04 -17.16
C GLU A 83 -9.34 21.30 -17.52
N ALA A 84 -8.21 21.13 -18.21
CA ALA A 84 -7.33 22.22 -18.58
C ALA A 84 -6.31 21.69 -19.57
N CYS A 85 -5.62 22.60 -20.25
CA CYS A 85 -4.64 22.17 -21.22
C CYS A 85 -3.46 23.12 -21.21
N ASN A 86 -2.31 22.64 -21.64
CA ASN A 86 -1.15 23.50 -21.71
C ASN A 86 -0.69 23.65 -23.15
N THR A 87 -1.43 23.04 -24.06
CA THR A 87 -1.06 22.96 -25.46
C THR A 87 -2.26 23.02 -26.38
N LEU A 88 -2.19 23.93 -27.36
CA LEU A 88 -3.24 24.06 -28.35
C LEU A 88 -2.59 23.89 -29.71
N LYS A 89 -3.31 23.27 -30.64
CA LYS A 89 -2.80 23.10 -31.98
C LYS A 89 -3.88 23.40 -33.01
N LYS A 90 -3.55 24.22 -33.99
CA LYS A 90 -4.54 24.50 -35.02
C LYS A 90 -4.45 23.46 -36.13
N LEU A 91 -5.48 22.64 -36.23
CA LEU A 91 -5.56 21.61 -37.27
C LEU A 91 -5.77 22.23 -38.65
N ASP A 92 -5.58 21.43 -39.69
CA ASP A 92 -5.75 21.89 -41.07
C ASP A 92 -7.16 22.39 -41.37
N ASP A 93 -8.15 21.65 -40.90
CA ASP A 93 -9.53 22.04 -41.15
C ASP A 93 -9.82 23.41 -40.57
N GLY A 94 -9.38 23.63 -39.33
CA GLY A 94 -9.59 24.90 -38.65
C GLY A 94 -9.96 24.67 -37.21
N LYS A 95 -10.02 23.40 -36.83
CA LYS A 95 -10.36 23.03 -35.46
C LYS A 95 -9.21 23.26 -34.51
N LEU A 96 -9.54 23.68 -33.30
CA LEU A 96 -8.55 23.84 -32.24
C LEU A 96 -8.46 22.56 -31.42
N TYR A 97 -7.24 22.04 -31.29
CA TYR A 97 -7.05 20.81 -30.54
C TYR A 97 -6.24 21.09 -29.29
N ALA A 98 -6.77 20.66 -28.16
CA ALA A 98 -6.11 20.87 -26.89
C ALA A 98 -5.53 19.57 -26.35
N ASP A 99 -4.36 19.67 -25.76
CA ASP A 99 -3.75 18.54 -25.09
C ASP A 99 -3.10 19.08 -23.83
N ASN A 100 -2.71 18.17 -22.94
CA ASN A 100 -2.00 18.56 -21.75
C ASN A 100 -0.78 17.66 -21.64
N THR A 101 0.39 18.22 -21.90
CA THR A 101 1.62 17.43 -21.93
C THR A 101 2.38 17.27 -20.62
N ASP A 102 1.97 17.95 -19.55
CA ASP A 102 2.83 17.92 -18.36
C ASP A 102 3.07 16.53 -17.72
N GLY A 103 2.01 15.73 -17.58
CA GLY A 103 2.18 14.38 -17.08
C GLY A 103 3.08 13.52 -17.96
N ILE A 104 2.95 13.65 -19.28
CA ILE A 104 3.82 12.87 -20.15
C ILE A 104 5.24 13.40 -20.11
N GLY A 105 5.39 14.69 -19.80
CA GLY A 105 6.73 15.21 -19.62
C GLY A 105 7.27 14.53 -18.37
N LEU A 106 6.40 14.39 -17.38
CA LEU A 106 6.81 13.77 -16.15
C LEU A 106 7.20 12.30 -16.35
N VAL A 107 6.36 11.51 -17.02
CA VAL A 107 6.74 10.10 -17.23
C VAL A 107 8.03 9.98 -18.05
N THR A 108 8.16 10.79 -19.08
CA THR A 108 9.36 10.78 -19.89
C THR A 108 10.59 11.00 -19.01
N ASP A 109 10.56 12.01 -18.16
CA ASP A 109 11.71 12.28 -17.33
C ASP A 109 11.98 11.13 -16.38
N LEU A 110 10.92 10.55 -15.83
CA LEU A 110 11.06 9.43 -14.93
C LEU A 110 11.64 8.21 -15.67
N GLN A 111 11.38 8.11 -16.96
CA GLN A 111 11.95 7.02 -17.74
C GLN A 111 13.45 7.25 -17.88
N ARG A 112 13.82 8.49 -18.20
CA ARG A 112 15.24 8.84 -18.30
C ARG A 112 15.94 8.47 -17.00
N LEU A 113 15.32 8.78 -15.86
CA LEU A 113 15.90 8.45 -14.56
C LEU A 113 15.79 6.96 -14.16
N ASN A 114 15.04 6.18 -14.95
CA ASN A 114 14.79 4.79 -14.61
C ASN A 114 14.06 4.66 -13.26
N TRP A 115 13.24 5.64 -12.94
CA TRP A 115 12.42 5.58 -11.73
C TRP A 115 10.97 5.28 -12.06
N LEU A 116 10.74 4.62 -13.20
CA LEU A 116 9.37 4.34 -13.63
C LEU A 116 9.03 2.86 -13.87
N ARG A 117 9.16 2.03 -12.84
CA ARG A 117 8.83 0.63 -13.00
C ARG A 117 7.32 0.41 -12.90
N PRO A 118 6.82 -0.51 -13.71
CA PRO A 118 5.41 -0.91 -13.67
C PRO A 118 5.05 -1.49 -12.31
N ASN A 119 3.88 -1.10 -11.81
CA ASN A 119 3.38 -1.57 -10.53
C ASN A 119 4.10 -0.94 -9.32
N GLN A 120 4.82 0.15 -9.56
CA GLN A 120 5.48 0.85 -8.45
C GLN A 120 4.47 1.53 -7.52
N HIS A 121 4.91 1.81 -6.30
CA HIS A 121 4.10 2.56 -5.36
C HIS A 121 4.65 3.99 -5.27
N VAL A 122 3.78 4.93 -5.61
CA VAL A 122 4.18 6.30 -5.68
C VAL A 122 3.38 7.14 -4.70
N LEU A 123 4.10 7.91 -3.88
CA LEU A 123 3.51 8.81 -2.93
C LEU A 123 3.63 10.24 -3.48
N ILE A 124 2.51 10.92 -3.63
CA ILE A 124 2.51 12.28 -4.16
C ILE A 124 2.06 13.27 -3.09
N LEU A 125 2.97 14.17 -2.73
CA LEU A 125 2.71 15.17 -1.70
C LEU A 125 2.23 16.50 -2.29
N GLY A 126 1.16 17.02 -1.72
CA GLY A 126 0.65 18.33 -2.10
C GLY A 126 -0.03 18.37 -3.44
N ALA A 127 -0.54 17.23 -3.89
CA ALA A 127 -1.24 17.17 -5.16
C ALA A 127 -2.52 17.99 -5.08
N GLY A 128 -2.70 18.87 -6.05
CA GLY A 128 -3.87 19.72 -6.12
C GLY A 128 -4.21 20.14 -7.55
N GLY A 129 -5.01 21.21 -7.65
CA GLY A 129 -5.49 21.71 -8.93
C GLY A 129 -4.40 21.96 -9.94
N ALA A 130 -3.28 22.52 -9.50
CA ALA A 130 -2.21 22.85 -10.42
C ALA A 130 -1.50 21.64 -11.03
N THR A 131 -1.49 20.50 -10.32
CA THR A 131 -0.74 19.33 -10.75
C THR A 131 -1.54 18.05 -11.03
N LYS A 132 -2.85 18.16 -11.20
CA LYS A 132 -3.64 16.98 -11.50
C LYS A 132 -3.33 16.48 -12.91
N GLY A 133 -2.56 17.27 -13.66
CA GLY A 133 -2.20 16.92 -15.02
C GLY A 133 -1.22 15.76 -15.10
N VAL A 134 -0.63 15.38 -13.98
CA VAL A 134 0.34 14.29 -13.99
C VAL A 134 -0.28 12.95 -13.63
N LEU A 135 -1.52 12.98 -13.13
CA LEU A 135 -2.15 11.76 -12.63
C LEU A 135 -2.44 10.69 -13.70
N LEU A 136 -3.19 11.04 -14.74
CA LEU A 136 -3.53 10.04 -15.77
C LEU A 136 -2.30 9.35 -16.37
N PRO A 137 -1.35 10.11 -16.90
CA PRO A 137 -0.13 9.49 -17.46
C PRO A 137 0.55 8.57 -16.44
N LEU A 138 0.54 8.94 -15.17
CA LEU A 138 1.15 8.09 -14.17
C LEU A 138 0.35 6.79 -14.02
N LEU A 139 -0.97 6.94 -13.95
CA LEU A 139 -1.84 5.77 -13.85
C LEU A 139 -1.65 4.87 -15.08
N GLN A 140 -1.65 5.49 -16.26
CA GLN A 140 -1.49 4.75 -17.51
C GLN A 140 -0.12 4.06 -17.60
N ALA A 141 0.81 4.46 -16.75
CA ALA A 141 2.10 3.78 -16.66
C ALA A 141 2.03 2.82 -15.49
N GLN A 142 0.84 2.28 -15.23
CA GLN A 142 0.62 1.32 -14.16
C GLN A 142 1.27 1.70 -12.84
N GLN A 143 1.23 2.98 -12.48
CA GLN A 143 1.78 3.37 -11.20
C GLN A 143 0.68 3.31 -10.16
N ASN A 144 0.99 2.82 -8.96
CA ASN A 144 0.04 2.79 -7.87
C ASN A 144 0.22 4.08 -7.10
N ILE A 145 -0.84 4.87 -6.98
CA ILE A 145 -0.70 6.19 -6.38
C ILE A 145 -1.40 6.49 -5.06
N VAL A 146 -0.67 7.07 -4.12
CA VAL A 146 -1.28 7.59 -2.92
C VAL A 146 -1.14 9.11 -2.94
N LEU A 147 -2.25 9.80 -2.77
CA LEU A 147 -2.26 11.25 -2.71
C LEU A 147 -2.39 11.69 -1.27
N ALA A 148 -1.40 12.44 -0.80
CA ALA A 148 -1.44 13.03 0.53
C ALA A 148 -1.31 14.55 0.38
N ASN A 149 -2.18 15.27 1.08
CA ASN A 149 -2.24 16.73 1.07
C ASN A 149 -2.77 17.13 2.44
N ARG A 150 -2.84 18.42 2.75
CA ARG A 150 -3.39 18.82 4.05
C ARG A 150 -4.92 18.85 3.91
N THR A 151 -5.42 18.28 2.82
CA THR A 151 -6.85 18.25 2.52
C THR A 151 -7.57 16.91 2.79
N PHE A 152 -7.45 15.96 1.86
CA PHE A 152 -8.27 14.72 1.90
C PHE A 152 -9.73 15.16 1.86
N SER A 153 -9.95 16.23 1.11
CA SER A 153 -11.26 16.79 0.86
C SER A 153 -11.25 17.07 -0.62
N LYS A 154 -10.40 18.01 -1.02
CA LYS A 154 -10.21 18.35 -2.41
C LYS A 154 -9.48 17.20 -3.12
N THR A 155 -8.53 16.59 -2.42
CA THR A 155 -7.77 15.50 -3.02
C THR A 155 -8.59 14.22 -3.12
N LYS A 156 -9.59 14.08 -2.24
CA LYS A 156 -10.43 12.89 -2.33
C LYS A 156 -11.35 13.02 -3.54
N GLU A 157 -11.63 14.26 -3.93
CA GLU A 157 -12.36 14.51 -5.17
C GLU A 157 -11.50 14.04 -6.34
N LEU A 158 -10.21 14.34 -6.28
CA LEU A 158 -9.27 13.91 -7.31
C LEU A 158 -9.27 12.40 -7.45
N ALA A 159 -9.14 11.71 -6.32
CA ALA A 159 -9.12 10.26 -6.32
C ALA A 159 -10.35 9.66 -7.02
N GLU A 160 -11.52 10.19 -6.68
CA GLU A 160 -12.77 9.75 -7.28
C GLU A 160 -12.73 9.84 -8.82
N ARG A 161 -12.28 10.99 -9.31
CA ARG A 161 -12.22 11.25 -10.74
C ARG A 161 -11.28 10.30 -11.48
N PHE A 162 -10.16 9.94 -10.85
CA PHE A 162 -9.16 9.12 -11.53
C PHE A 162 -9.26 7.64 -11.24
N GLN A 163 -10.32 7.26 -10.55
CA GLN A 163 -10.53 5.88 -10.14
C GLN A 163 -10.67 4.89 -11.30
N PRO A 164 -11.37 5.26 -12.36
CA PRO A 164 -11.54 4.36 -13.52
C PRO A 164 -10.23 4.07 -14.25
N TYR A 165 -9.17 4.82 -13.95
CA TYR A 165 -7.93 4.67 -14.70
C TYR A 165 -6.77 3.98 -14.00
N GLY A 166 -6.97 3.55 -12.76
CA GLY A 166 -5.90 2.88 -12.05
C GLY A 166 -6.09 2.90 -10.55
N ASN A 167 -5.09 2.42 -9.82
CA ASN A 167 -5.17 2.41 -8.37
C ASN A 167 -4.67 3.70 -7.78
N ILE A 168 -5.59 4.48 -7.23
CA ILE A 168 -5.24 5.74 -6.61
C ILE A 168 -6.20 6.02 -5.47
N GLN A 169 -5.65 6.47 -4.35
CA GLN A 169 -6.48 6.84 -3.21
C GLN A 169 -5.94 8.12 -2.60
N ALA A 170 -6.81 8.82 -1.89
CA ALA A 170 -6.39 10.02 -1.24
C ALA A 170 -6.38 9.77 0.25
N VAL A 171 -5.43 10.37 0.95
CA VAL A 171 -5.37 10.19 2.38
C VAL A 171 -4.93 11.46 3.07
N SER A 172 -5.22 11.52 4.35
CA SER A 172 -4.77 12.60 5.19
C SER A 172 -3.25 12.51 5.31
N MET A 173 -2.61 13.64 5.55
CA MET A 173 -1.16 13.68 5.68
C MET A 173 -0.68 12.70 6.75
N ASP A 174 -1.52 12.42 7.74
CA ASP A 174 -1.16 11.50 8.83
C ASP A 174 -1.67 10.07 8.62
N SER A 175 -2.37 9.84 7.51
CA SER A 175 -2.93 8.51 7.27
C SER A 175 -2.26 7.84 6.08
N ILE A 176 -0.98 8.12 5.88
CA ILE A 176 -0.24 7.54 4.78
C ILE A 176 0.03 6.08 5.07
N PRO A 177 -0.42 5.20 4.20
CA PRO A 177 -0.21 3.77 4.39
C PRO A 177 1.28 3.51 4.61
N LEU A 178 1.56 2.72 5.65
CA LEU A 178 2.91 2.46 6.08
C LEU A 178 3.60 1.41 5.20
N GLN A 179 4.47 1.87 4.31
CA GLN A 179 5.16 0.97 3.42
C GLN A 179 6.26 1.69 2.68
N THR A 180 7.08 0.92 2.01
CA THR A 180 8.11 1.46 1.17
C THR A 180 7.42 2.09 -0.05
N TYR A 181 7.80 3.32 -0.40
CA TYR A 181 7.32 3.89 -1.64
C TYR A 181 8.53 3.95 -2.56
N ASP A 182 8.35 3.49 -3.79
CA ASP A 182 9.47 3.50 -4.73
C ASP A 182 9.73 4.90 -5.20
N LEU A 183 8.68 5.70 -5.22
CA LEU A 183 8.78 7.07 -5.68
C LEU A 183 7.94 8.00 -4.80
N VAL A 184 8.57 9.08 -4.37
CA VAL A 184 7.88 10.13 -3.61
C VAL A 184 7.97 11.40 -4.45
N ILE A 185 6.84 11.97 -4.81
CA ILE A 185 6.84 13.16 -5.63
C ILE A 185 6.35 14.35 -4.86
N ASN A 186 7.13 15.43 -4.89
CA ASN A 186 6.68 16.66 -4.28
C ASN A 186 5.93 17.50 -5.31
N ALA A 187 4.63 17.61 -5.13
CA ALA A 187 3.80 18.37 -6.04
C ALA A 187 3.47 19.75 -5.49
N THR A 188 3.94 20.03 -4.28
CA THR A 188 3.64 21.31 -3.63
C THR A 188 4.34 22.47 -4.32
N SER A 189 3.58 23.47 -4.75
CA SER A 189 4.22 24.65 -5.31
C SER A 189 4.47 25.67 -4.20
N ALA A 190 5.45 26.54 -4.40
CA ALA A 190 5.77 27.52 -3.36
C ALA A 190 4.84 28.72 -3.47
N GLY A 191 3.82 28.75 -2.62
CA GLY A 191 2.85 29.83 -2.59
C GLY A 191 2.15 29.91 -1.26
N ALA A 197 7.33 24.40 2.75
CA ALA A 197 7.32 23.88 4.15
C ALA A 197 7.94 22.48 4.22
N SER A 198 7.91 21.86 5.40
CA SER A 198 8.56 20.57 5.53
C SER A 198 7.61 19.43 5.90
N VAL A 199 8.03 18.24 5.53
CA VAL A 199 7.25 17.06 5.74
C VAL A 199 7.88 16.24 6.85
N ASP A 200 7.06 15.51 7.59
CA ASP A 200 7.58 14.61 8.61
C ASP A 200 8.70 13.78 7.99
N ALA A 201 9.87 13.76 8.63
CA ALA A 201 10.99 12.97 8.14
C ALA A 201 10.61 11.49 8.10
N GLU A 202 9.72 11.08 8.99
CA GLU A 202 9.28 9.69 9.04
C GLU A 202 8.54 9.29 7.77
N ILE A 203 7.92 10.27 7.11
CA ILE A 203 7.26 10.04 5.85
C ILE A 203 8.32 9.87 4.78
N LEU A 204 9.29 10.78 4.77
CA LEU A 204 10.31 10.77 3.73
C LEU A 204 11.19 9.51 3.75
N LYS A 205 11.55 9.02 4.93
CA LYS A 205 12.36 7.80 5.01
C LYS A 205 11.72 6.56 4.37
N LEU A 206 10.43 6.61 4.06
CA LEU A 206 9.74 5.50 3.43
C LEU A 206 10.02 5.35 1.95
N GLY A 207 10.66 6.37 1.36
CA GLY A 207 10.90 6.39 -0.06
C GLY A 207 12.29 5.96 -0.48
N SER A 208 12.39 5.47 -1.71
CA SER A 208 13.63 5.00 -2.31
C SER A 208 14.14 6.00 -3.35
N ALA A 209 13.26 6.89 -3.79
CA ALA A 209 13.61 7.93 -4.75
C ALA A 209 12.70 9.15 -4.53
N PHE A 210 13.23 10.33 -4.82
CA PHE A 210 12.53 11.57 -4.53
C PHE A 210 12.62 12.54 -5.70
N TYR A 211 11.46 12.95 -6.19
CA TYR A 211 11.37 13.81 -7.34
C TYR A 211 10.63 15.08 -6.99
N ASP A 212 11.29 16.22 -7.16
CA ASP A 212 10.67 17.50 -6.91
C ASP A 212 10.20 18.05 -8.26
N MET A 213 8.93 18.43 -8.36
CA MET A 213 8.41 18.89 -9.64
C MET A 213 8.93 20.28 -9.91
N GLN A 214 9.45 20.91 -8.88
CA GLN A 214 10.08 22.20 -9.03
C GLN A 214 11.58 22.01 -9.21
N TYR A 215 12.24 23.06 -9.66
CA TYR A 215 13.68 23.08 -9.81
C TYR A 215 14.17 24.50 -9.50
N ALA A 216 15.46 24.64 -9.22
CA ALA A 216 15.98 25.95 -8.91
C ALA A 216 17.31 26.19 -9.60
N LYS A 217 17.56 27.45 -9.95
CA LYS A 217 18.75 27.84 -10.68
C LYS A 217 20.04 27.62 -9.90
N GLY A 218 20.85 26.66 -10.35
CA GLY A 218 22.13 26.38 -9.74
C GLY A 218 22.19 25.50 -8.49
N THR A 219 21.35 25.81 -7.50
CA THR A 219 21.35 25.07 -6.23
C THR A 219 20.28 23.98 -6.14
N ASP A 220 19.97 23.58 -4.92
CA ASP A 220 18.95 22.58 -4.66
C ASP A 220 17.70 23.28 -4.18
N THR A 221 16.54 22.69 -4.41
CA THR A 221 15.28 23.24 -3.91
C THR A 221 15.16 22.80 -2.45
N PRO A 222 14.29 23.46 -1.70
CA PRO A 222 14.14 23.16 -0.27
C PRO A 222 13.75 21.70 -0.02
N PHE A 223 12.88 21.14 -0.84
CA PHE A 223 12.50 19.73 -0.69
C PHE A 223 13.71 18.83 -0.87
N ILE A 224 14.47 19.07 -1.92
CA ILE A 224 15.66 18.29 -2.21
C ILE A 224 16.72 18.45 -1.12
N ALA A 225 16.87 19.68 -0.64
CA ALA A 225 17.84 19.97 0.43
C ALA A 225 17.45 19.21 1.71
N LEU A 226 16.16 19.22 2.05
CA LEU A 226 15.67 18.42 3.16
C LEU A 226 15.99 16.92 2.98
N CYS A 227 15.78 16.41 1.77
CA CYS A 227 16.06 15.01 1.50
C CYS A 227 17.54 14.71 1.74
N LYS A 228 18.41 15.49 1.13
CA LYS A 228 19.84 15.30 1.31
C LYS A 228 20.23 15.35 2.78
N SER A 229 19.77 16.37 3.49
CA SER A 229 20.04 16.51 4.92
C SER A 229 19.57 15.29 5.74
N LEU A 230 18.56 14.58 5.24
CA LEU A 230 18.04 13.42 5.94
C LEU A 230 18.81 12.18 5.58
N GLY A 231 19.70 12.31 4.61
CA GLY A 231 20.52 11.19 4.17
C GLY A 231 19.92 10.52 2.95
N LEU A 232 18.82 11.07 2.44
CA LEU A 232 18.12 10.53 1.28
C LEU A 232 18.71 11.09 -0.01
N THR A 233 19.62 10.31 -0.58
CA THR A 233 20.51 10.74 -1.67
C THR A 233 20.02 10.55 -3.11
N ASN A 234 19.00 9.71 -3.28
CA ASN A 234 18.45 9.41 -4.59
C ASN A 234 17.40 10.46 -4.94
N VAL A 235 17.84 11.58 -5.50
CA VAL A 235 16.97 12.72 -5.71
C VAL A 235 17.05 13.39 -7.09
N SER A 236 15.96 14.02 -7.51
CA SER A 236 15.93 14.74 -8.77
C SER A 236 14.99 15.94 -8.70
N ASP A 237 15.35 17.03 -9.36
CA ASP A 237 14.45 18.16 -9.47
C ASP A 237 13.65 17.93 -10.75
N GLY A 238 12.82 18.89 -11.14
CA GLY A 238 11.97 18.70 -12.31
C GLY A 238 12.36 19.42 -13.60
N PHE A 239 13.62 19.79 -13.72
CA PHE A 239 14.04 20.46 -14.93
C PHE A 239 13.75 19.59 -16.15
N GLY A 240 14.04 18.30 -16.03
CA GLY A 240 13.81 17.35 -17.10
C GLY A 240 12.35 17.30 -17.51
N MET A 241 11.47 17.41 -16.53
CA MET A 241 10.04 17.40 -16.79
C MET A 241 9.71 18.61 -17.67
N LEU A 242 10.28 19.74 -17.31
CA LEU A 242 10.05 20.97 -18.07
C LEU A 242 10.43 20.82 -19.55
N VAL A 243 11.62 20.33 -19.83
CA VAL A 243 12.08 20.14 -21.21
C VAL A 243 11.27 19.06 -21.91
N ALA A 244 11.02 17.96 -21.21
CA ALA A 244 10.26 16.85 -21.76
C ALA A 244 8.87 17.25 -22.21
N GLN A 245 8.19 18.05 -21.40
CA GLN A 245 6.83 18.46 -21.74
C GLN A 245 6.78 19.40 -22.94
N ALA A 246 7.84 20.19 -23.09
CA ALA A 246 7.97 21.08 -24.22
C ALA A 246 8.24 20.24 -25.48
N ALA A 247 9.05 19.21 -25.35
CA ALA A 247 9.35 18.31 -26.47
C ALA A 247 8.06 17.64 -26.94
N HIS A 248 7.21 17.24 -25.99
CA HIS A 248 5.94 16.63 -26.31
C HIS A 248 4.99 17.58 -27.03
N SER A 249 4.96 18.85 -26.62
CA SER A 249 4.16 19.85 -27.32
C SER A 249 4.71 20.00 -28.74
N PHE A 250 6.03 20.00 -28.85
CA PHE A 250 6.70 20.14 -30.14
C PHE A 250 6.24 19.01 -31.07
N HIS A 251 6.39 17.78 -30.58
CA HIS A 251 6.01 16.59 -31.33
C HIS A 251 4.58 16.65 -31.83
N LEU A 252 3.67 17.16 -31.03
CA LEU A 252 2.30 17.28 -31.45
C LEU A 252 2.16 18.26 -32.63
N TRP A 253 2.84 19.41 -32.51
CA TRP A 253 2.79 20.43 -33.55
C TRP A 253 3.54 20.04 -34.81
N ARG A 254 4.70 19.41 -34.65
CA ARG A 254 5.58 19.18 -35.79
C ARG A 254 5.64 17.78 -36.39
N GLY A 255 5.30 16.77 -35.61
CA GLY A 255 5.29 15.41 -36.12
C GLY A 255 6.61 14.70 -36.00
N VAL A 256 7.57 15.32 -35.32
CA VAL A 256 8.87 14.71 -35.07
C VAL A 256 9.21 14.87 -33.59
N MET A 257 9.54 13.76 -32.94
CA MET A 257 9.91 13.80 -31.52
C MET A 257 11.37 14.19 -31.41
N PRO A 258 11.60 15.40 -30.95
CA PRO A 258 12.97 15.93 -30.84
C PRO A 258 13.76 15.07 -29.87
N ASP A 259 15.02 15.42 -29.67
CA ASP A 259 15.83 14.69 -28.74
C ASP A 259 15.84 15.34 -27.37
N PHE A 260 14.93 14.88 -26.52
CA PHE A 260 14.79 15.40 -25.17
C PHE A 260 16.07 15.14 -24.37
N VAL A 261 16.48 13.87 -24.31
CA VAL A 261 17.66 13.50 -23.53
C VAL A 261 18.89 14.36 -23.81
N SER A 262 19.09 14.77 -25.06
CA SER A 262 20.28 15.54 -25.41
C SER A 262 20.11 17.05 -25.39
N VAL A 263 18.87 17.53 -25.42
CA VAL A 263 18.65 18.97 -25.27
C VAL A 263 18.66 19.23 -23.78
N TYR A 264 18.33 18.20 -23.01
CA TYR A 264 18.33 18.29 -21.56
C TYR A 264 19.75 18.31 -21.03
N GLU A 265 20.52 17.28 -21.38
CA GLU A 265 21.90 17.19 -20.90
C GLU A 265 22.70 18.37 -21.43
N GLN A 266 22.49 18.73 -22.68
CA GLN A 266 23.12 19.90 -23.26
C GLN A 266 22.78 21.13 -22.42
N LEU A 267 21.52 21.23 -22.00
CA LEU A 267 21.07 22.37 -21.23
C LEU A 267 21.52 22.35 -19.77
N LYS A 268 21.89 21.19 -19.26
CA LYS A 268 22.40 21.11 -17.89
C LYS A 268 23.87 21.50 -17.87
N LYS A 269 24.61 21.00 -18.86
CA LYS A 269 26.02 21.33 -18.98
C LYS A 269 26.20 22.83 -18.85
N ALA A 270 25.57 23.58 -19.74
CA ALA A 270 25.73 25.02 -19.76
C ALA A 270 24.69 25.77 -18.95
N MET A 271 24.07 25.13 -17.97
CA MET A 271 22.98 25.83 -17.30
C MET A 271 23.39 26.98 -16.36
N LEU A 272 23.50 26.71 -15.05
CA LEU A 272 23.91 27.76 -14.10
C LEU A 272 24.53 27.13 -12.86
N MET B 1 2.93 -46.61 21.98
CA MET B 1 2.08 -45.49 21.49
C MET B 1 2.46 -44.18 22.21
N ASP B 2 2.88 -43.19 21.44
CA ASP B 2 3.23 -41.89 22.00
C ASP B 2 1.97 -41.13 22.41
N LEU B 3 1.99 -40.52 23.60
CA LEU B 3 0.83 -39.78 24.08
C LEU B 3 1.01 -38.28 23.87
N TYR B 4 -0.07 -37.60 23.57
CA TYR B 4 -0.04 -36.16 23.42
C TYR B 4 -1.33 -35.66 24.00
N ALA B 5 -1.39 -34.38 24.30
CA ALA B 5 -2.60 -33.84 24.89
C ALA B 5 -2.76 -32.35 24.67
N VAL B 6 -3.99 -31.88 24.77
CA VAL B 6 -4.27 -30.47 24.80
C VAL B 6 -4.56 -30.21 26.27
N TRP B 7 -3.95 -29.17 26.81
CA TRP B 7 -4.15 -28.81 28.22
C TRP B 7 -4.89 -27.48 28.27
N GLY B 8 -5.89 -27.39 29.14
CA GLY B 8 -6.65 -26.15 29.28
C GLY B 8 -7.66 -26.14 30.41
N ASN B 9 -8.43 -25.06 30.48
CA ASN B 9 -9.47 -24.90 31.49
C ASN B 9 -10.40 -23.79 31.06
N PRO B 10 -11.57 -24.15 30.53
CA PRO B 10 -11.99 -25.55 30.42
C PRO B 10 -11.41 -26.26 29.20
N ILE B 11 -11.87 -27.48 28.92
CA ILE B 11 -11.30 -28.25 27.83
C ILE B 11 -12.28 -29.11 27.02
N ALA B 12 -13.34 -29.61 27.65
CA ALA B 12 -14.32 -30.40 26.90
C ALA B 12 -14.61 -29.72 25.56
N GLN B 13 -14.59 -28.39 25.55
CA GLN B 13 -14.90 -27.63 24.34
C GLN B 13 -13.91 -27.87 23.16
N SER B 14 -12.74 -28.44 23.44
CA SER B 14 -11.66 -28.54 22.42
C SER B 14 -11.87 -29.47 21.21
N LYS B 15 -11.39 -29.03 20.05
CA LYS B 15 -11.51 -29.85 18.84
C LYS B 15 -10.16 -30.45 18.47
N SER B 16 -9.13 -30.10 19.23
CA SER B 16 -7.78 -30.60 18.98
C SER B 16 -7.68 -32.13 18.92
N PRO B 17 -8.22 -32.82 19.92
CA PRO B 17 -8.17 -34.29 19.92
C PRO B 17 -8.79 -34.81 18.63
N LEU B 18 -9.97 -34.31 18.31
CA LEU B 18 -10.63 -34.67 17.08
C LEU B 18 -9.65 -34.49 15.91
N ILE B 19 -9.16 -33.27 15.73
CA ILE B 19 -8.23 -32.97 14.65
C ILE B 19 -7.00 -33.85 14.70
N GLN B 20 -6.29 -33.82 15.83
CA GLN B 20 -5.00 -34.51 15.94
C GLN B 20 -5.07 -36.01 15.70
N ASN B 21 -6.08 -36.66 16.24
CA ASN B 21 -6.23 -38.10 16.01
C ASN B 21 -6.47 -38.38 14.51
N LYS B 22 -7.28 -37.55 13.85
CA LYS B 22 -7.49 -37.73 12.42
C LYS B 22 -6.17 -37.59 11.66
N LEU B 23 -5.36 -36.58 12.04
CA LEU B 23 -4.08 -36.35 11.39
C LEU B 23 -3.21 -37.58 11.56
N ALA B 24 -3.26 -38.17 12.76
CA ALA B 24 -2.47 -39.36 13.04
C ALA B 24 -2.94 -40.53 12.17
N ALA B 25 -4.24 -40.79 12.20
CA ALA B 25 -4.79 -41.91 11.44
C ALA B 25 -4.41 -41.76 9.98
N GLN B 26 -4.42 -40.52 9.51
CA GLN B 26 -4.12 -40.24 8.12
C GLN B 26 -2.70 -40.55 7.69
N THR B 27 -1.76 -40.48 8.63
CA THR B 27 -0.34 -40.70 8.30
C THR B 27 0.21 -41.96 8.98
N HIS B 28 -0.67 -42.81 9.47
CA HIS B 28 -0.27 -44.08 10.08
C HIS B 28 0.67 -43.90 11.29
N GLN B 29 0.43 -42.89 12.08
CA GLN B 29 1.24 -42.62 13.25
C GLN B 29 0.71 -43.38 14.45
N THR B 30 1.59 -44.06 15.18
CA THR B 30 1.20 -44.80 16.38
C THR B 30 1.21 -43.85 17.57
N MET B 31 0.17 -43.02 17.64
CA MET B 31 0.07 -42.06 18.71
C MET B 31 -1.38 -41.88 19.07
N GLU B 32 -1.60 -41.16 20.16
CA GLU B 32 -2.94 -40.78 20.58
C GLU B 32 -2.90 -39.40 21.25
N TYR B 33 -3.98 -38.65 21.11
CA TYR B 33 -4.05 -37.30 21.60
C TYR B 33 -5.28 -37.20 22.48
N ILE B 34 -5.12 -36.68 23.69
CA ILE B 34 -6.23 -36.59 24.63
C ILE B 34 -6.43 -35.18 25.14
N ALA B 35 -7.50 -34.99 25.89
CA ALA B 35 -7.82 -33.69 26.47
C ALA B 35 -7.48 -33.75 27.95
N LYS B 36 -6.74 -32.75 28.43
CA LYS B 36 -6.40 -32.74 29.84
C LYS B 36 -6.77 -31.43 30.49
N LEU B 37 -7.59 -31.52 31.53
CA LEU B 37 -8.04 -30.34 32.25
C LEU B 37 -6.98 -29.94 33.25
N GLY B 38 -6.48 -28.72 33.13
CA GLY B 38 -5.46 -28.26 34.04
C GLY B 38 -6.06 -27.54 35.22
N ASP B 39 -5.58 -27.87 36.41
CA ASP B 39 -6.04 -27.18 37.60
C ASP B 39 -5.46 -25.78 37.63
N LEU B 40 -6.31 -24.80 37.91
CA LEU B 40 -5.91 -23.40 37.92
C LEU B 40 -4.68 -23.10 38.75
N ASP B 41 -4.47 -23.87 39.82
CA ASP B 41 -3.30 -23.63 40.65
C ASP B 41 -2.22 -24.69 40.46
N ALA B 42 -2.63 -25.91 40.14
CA ALA B 42 -1.68 -27.04 40.09
C ALA B 42 -1.15 -27.45 38.71
N PHE B 43 -1.64 -26.80 37.67
CA PHE B 43 -1.28 -27.11 36.28
C PHE B 43 0.20 -27.47 36.04
N GLU B 44 1.06 -26.52 36.34
CA GLU B 44 2.48 -26.65 36.08
C GLU B 44 3.01 -27.97 36.58
N GLN B 45 2.62 -28.35 37.80
CA GLN B 45 3.12 -29.59 38.36
C GLN B 45 2.39 -30.81 37.78
N GLN B 46 1.16 -30.62 37.31
CA GLN B 46 0.45 -31.68 36.61
C GLN B 46 1.12 -31.86 35.26
N LEU B 47 1.40 -30.74 34.60
CA LEU B 47 2.04 -30.77 33.30
C LEU B 47 3.36 -31.55 33.37
N LEU B 48 4.21 -31.20 34.33
CA LEU B 48 5.49 -31.87 34.49
C LEU B 48 5.34 -33.35 34.86
N ALA B 49 4.28 -33.70 35.56
CA ALA B 49 4.03 -35.09 35.93
C ALA B 49 3.66 -35.87 34.67
N PHE B 50 2.83 -35.24 33.85
CA PHE B 50 2.37 -35.78 32.56
C PHE B 50 3.55 -36.10 31.64
N PHE B 51 4.62 -35.30 31.71
CA PHE B 51 5.81 -35.55 30.90
C PHE B 51 6.72 -36.63 31.50
N GLU B 52 6.81 -36.66 32.82
CA GLU B 52 7.61 -37.68 33.47
C GLU B 52 6.98 -39.04 33.14
N GLU B 53 5.65 -39.06 33.18
CA GLU B 53 4.88 -40.24 32.82
C GLU B 53 5.26 -40.76 31.43
N GLY B 54 5.73 -39.90 30.53
CA GLY B 54 6.16 -40.35 29.23
C GLY B 54 5.53 -39.73 28.00
N ALA B 55 4.70 -38.71 28.19
CA ALA B 55 4.10 -37.99 27.08
C ALA B 55 5.19 -37.35 26.20
N LYS B 56 4.92 -37.20 24.91
CA LYS B 56 5.91 -36.64 23.97
C LYS B 56 5.72 -35.15 23.69
N GLY B 57 4.52 -34.64 23.97
CA GLY B 57 4.23 -33.24 23.72
C GLY B 57 2.78 -32.90 23.99
N CYS B 58 2.43 -31.63 23.88
CA CYS B 58 1.06 -31.22 24.12
C CYS B 58 0.77 -29.85 23.55
N ASN B 59 -0.52 -29.58 23.34
CA ASN B 59 -0.97 -28.24 22.99
C ASN B 59 -1.43 -27.58 24.28
N ILE B 60 -1.39 -26.26 24.31
CA ILE B 60 -1.79 -25.50 25.49
C ILE B 60 -2.77 -24.43 25.09
N THR B 61 -3.90 -24.35 25.79
CA THR B 61 -4.87 -23.29 25.53
C THR B 61 -5.14 -22.49 26.82
N SER B 62 -6.16 -21.64 26.80
CA SER B 62 -6.48 -20.82 27.97
C SER B 62 -6.70 -21.65 29.22
N PRO B 63 -6.17 -21.19 30.36
CA PRO B 63 -5.38 -19.97 30.43
C PRO B 63 -3.91 -20.18 30.79
N PHE B 64 -3.28 -21.28 30.36
CA PHE B 64 -1.88 -21.53 30.73
C PHE B 64 -0.84 -21.33 29.64
N LYS B 65 -1.19 -20.65 28.55
CA LYS B 65 -0.22 -20.48 27.47
C LYS B 65 1.07 -19.78 27.96
N GLU B 66 0.90 -18.74 28.78
CA GLU B 66 2.04 -18.01 29.30
C GLU B 66 2.82 -18.82 30.31
N ARG B 67 2.11 -19.58 31.14
CA ARG B 67 2.76 -20.36 32.18
C ARG B 67 3.55 -21.55 31.62
N ALA B 68 3.00 -22.19 30.59
CA ALA B 68 3.68 -23.33 29.99
C ALA B 68 4.95 -22.91 29.27
N TYR B 69 4.91 -21.73 28.68
CA TYR B 69 6.07 -21.16 28.00
C TYR B 69 7.23 -20.99 29.00
N GLN B 70 6.88 -20.55 30.20
CA GLN B 70 7.85 -20.37 31.28
C GLN B 70 8.52 -21.67 31.71
N LEU B 71 7.92 -22.81 31.38
CA LEU B 71 8.48 -24.13 31.69
C LEU B 71 9.45 -24.62 30.61
N ALA B 72 9.44 -23.97 29.45
CA ALA B 72 10.28 -24.41 28.36
C ALA B 72 11.77 -24.21 28.61
N ASP B 73 12.57 -25.16 28.15
CA ASP B 73 14.00 -25.06 28.23
C ASP B 73 14.51 -24.43 26.94
N GLU B 74 13.85 -24.76 25.84
CA GLU B 74 14.20 -24.17 24.55
C GLU B 74 12.93 -23.66 23.90
N TYR B 75 13.03 -22.59 23.13
CA TYR B 75 11.83 -22.02 22.53
C TYR B 75 12.07 -21.33 21.20
N SER B 76 10.99 -21.21 20.43
CA SER B 76 11.05 -20.60 19.11
C SER B 76 10.96 -19.08 19.16
N GLN B 77 11.43 -18.43 18.11
CA GLN B 77 11.25 -16.99 17.97
C GLN B 77 9.76 -16.63 18.08
N ARG B 78 8.89 -17.50 17.56
CA ARG B 78 7.46 -17.25 17.63
C ARG B 78 6.98 -17.22 19.08
N ALA B 79 7.44 -18.20 19.86
CA ALA B 79 7.00 -18.32 21.23
C ALA B 79 7.52 -17.14 22.03
N LYS B 80 8.73 -16.73 21.70
CA LYS B 80 9.38 -15.64 22.40
C LYS B 80 8.62 -14.34 22.21
N LEU B 81 8.33 -14.00 20.97
CA LEU B 81 7.66 -12.74 20.71
C LEU B 81 6.27 -12.71 21.34
N ALA B 82 5.59 -13.84 21.35
CA ALA B 82 4.25 -13.93 21.93
C ALA B 82 4.26 -14.06 23.47
N GLU B 83 5.42 -14.37 24.03
CA GLU B 83 5.56 -14.60 25.47
C GLU B 83 4.51 -15.61 25.90
N ALA B 84 4.30 -16.61 25.03
CA ALA B 84 3.32 -17.63 25.28
C ALA B 84 3.58 -18.72 24.26
N CYS B 85 3.09 -19.91 24.54
CA CYS B 85 3.22 -20.95 23.54
C CYS B 85 1.97 -21.80 23.59
N ASN B 86 1.66 -22.44 22.46
CA ASN B 86 0.50 -23.29 22.42
C ASN B 86 0.93 -24.72 22.18
N THR B 87 2.25 -24.91 22.03
CA THR B 87 2.82 -26.22 21.70
C THR B 87 4.11 -26.53 22.47
N LEU B 88 4.18 -27.70 23.08
CA LEU B 88 5.40 -28.12 23.76
C LEU B 88 5.82 -29.47 23.22
N LYS B 89 7.13 -29.65 23.10
CA LYS B 89 7.65 -30.92 22.64
C LYS B 89 8.72 -31.41 23.62
N LYS B 90 8.59 -32.65 24.07
CA LYS B 90 9.62 -33.21 24.92
C LYS B 90 10.73 -33.84 24.08
N LEU B 91 11.92 -33.28 24.17
CA LEU B 91 13.03 -33.83 23.42
C LEU B 91 13.58 -35.10 24.08
N ASP B 92 14.40 -35.83 23.34
CA ASP B 92 14.96 -37.07 23.84
C ASP B 92 15.76 -36.92 25.14
N ASP B 93 16.53 -35.86 25.26
CA ASP B 93 17.27 -35.71 26.52
C ASP B 93 16.33 -35.43 27.70
N GLY B 94 15.22 -34.77 27.44
CA GLY B 94 14.27 -34.45 28.50
C GLY B 94 13.97 -32.97 28.53
N LYS B 95 14.54 -32.25 27.56
CA LYS B 95 14.29 -30.82 27.48
C LYS B 95 12.90 -30.57 26.89
N LEU B 96 12.28 -29.48 27.30
CA LEU B 96 11.01 -29.11 26.70
C LEU B 96 11.25 -27.98 25.68
N TYR B 97 10.84 -28.22 24.44
CA TYR B 97 10.92 -27.20 23.40
C TYR B 97 9.55 -26.58 23.22
N ALA B 98 9.50 -25.26 23.19
CA ALA B 98 8.24 -24.53 23.07
C ALA B 98 8.12 -23.76 21.75
N ASP B 99 6.94 -23.81 21.16
CA ASP B 99 6.68 -23.06 19.95
C ASP B 99 5.27 -22.51 20.02
N ASN B 100 5.02 -21.46 19.25
CA ASN B 100 3.69 -20.91 19.15
C ASN B 100 3.24 -21.03 17.70
N THR B 101 2.24 -21.87 17.52
CA THR B 101 1.77 -22.30 16.22
C THR B 101 0.57 -21.53 15.59
N ASP B 102 0.02 -20.57 16.34
CA ASP B 102 -1.12 -19.75 15.89
C ASP B 102 -0.88 -18.96 14.59
N GLY B 103 0.11 -18.07 14.62
CA GLY B 103 0.44 -17.26 13.48
C GLY B 103 0.71 -18.05 12.20
N ILE B 104 1.51 -19.10 12.29
CA ILE B 104 1.80 -19.87 11.08
C ILE B 104 0.56 -20.61 10.58
N GLY B 105 -0.36 -20.92 11.47
CA GLY B 105 -1.61 -21.53 11.07
C GLY B 105 -2.41 -20.50 10.29
N LEU B 106 -2.43 -19.27 10.81
CA LEU B 106 -3.11 -18.19 10.13
C LEU B 106 -2.53 -17.92 8.74
N VAL B 107 -1.20 -17.81 8.62
CA VAL B 107 -0.60 -17.52 7.32
C VAL B 107 -0.91 -18.62 6.29
N THR B 108 -0.89 -19.87 6.75
CA THR B 108 -1.20 -21.01 5.90
C THR B 108 -2.62 -20.92 5.36
N ASP B 109 -3.56 -20.55 6.23
CA ASP B 109 -4.94 -20.50 5.82
C ASP B 109 -5.13 -19.36 4.86
N LEU B 110 -4.49 -18.23 5.16
CA LEU B 110 -4.57 -17.07 4.30
C LEU B 110 -3.89 -17.36 2.96
N GLN B 111 -2.85 -18.17 2.96
CA GLN B 111 -2.20 -18.49 1.70
C GLN B 111 -3.11 -19.40 0.87
N ARG B 112 -3.85 -20.27 1.53
CA ARG B 112 -4.78 -21.17 0.85
C ARG B 112 -5.81 -20.32 0.11
N LEU B 113 -6.26 -19.27 0.78
CA LEU B 113 -7.26 -18.35 0.25
C LEU B 113 -6.67 -17.33 -0.71
N ASN B 114 -5.35 -17.31 -0.83
CA ASN B 114 -4.66 -16.34 -1.67
C ASN B 114 -4.90 -14.93 -1.18
N TRP B 115 -4.92 -14.80 0.15
CA TRP B 115 -5.15 -13.54 0.80
C TRP B 115 -3.90 -13.05 1.49
N LEU B 116 -2.75 -13.57 1.11
CA LEU B 116 -1.51 -13.13 1.77
C LEU B 116 -0.46 -12.66 0.80
N ARG B 117 -0.86 -11.81 -0.14
CA ARG B 117 0.15 -11.30 -1.05
C ARG B 117 1.06 -10.32 -0.30
N PRO B 118 2.37 -10.42 -0.57
CA PRO B 118 3.34 -9.57 0.09
C PRO B 118 2.99 -8.09 -0.04
N ASN B 119 3.29 -7.29 0.97
CA ASN B 119 3.07 -5.86 0.91
C ASN B 119 1.61 -5.39 1.06
N GLN B 120 0.70 -6.29 1.41
CA GLN B 120 -0.69 -5.89 1.65
C GLN B 120 -0.79 -5.04 2.91
N HIS B 121 -1.87 -4.27 2.98
CA HIS B 121 -2.23 -3.54 4.19
C HIS B 121 -3.35 -4.30 4.91
N VAL B 122 -3.08 -4.71 6.14
CA VAL B 122 -4.03 -5.49 6.91
C VAL B 122 -4.52 -4.69 8.12
N LEU B 123 -5.82 -4.64 8.28
CA LEU B 123 -6.40 -4.04 9.46
C LEU B 123 -6.80 -5.17 10.41
N ILE B 124 -6.23 -5.19 11.60
CA ILE B 124 -6.58 -6.20 12.58
C ILE B 124 -7.44 -5.53 13.67
N LEU B 125 -8.62 -6.10 13.92
CA LEU B 125 -9.54 -5.58 14.93
C LEU B 125 -9.41 -6.36 16.24
N GLY B 126 -8.78 -5.75 17.24
CA GLY B 126 -8.60 -6.38 18.53
C GLY B 126 -7.17 -6.79 18.77
N ALA B 127 -6.67 -6.51 19.97
CA ALA B 127 -5.32 -6.89 20.33
C ALA B 127 -5.35 -8.02 21.36
N GLY B 128 -4.18 -8.43 21.82
CA GLY B 128 -4.06 -9.48 22.82
C GLY B 128 -4.69 -10.78 22.35
N GLY B 129 -5.91 -11.05 22.84
CA GLY B 129 -6.66 -12.23 22.46
C GLY B 129 -5.82 -13.24 21.69
N ALA B 130 -6.08 -13.36 20.41
CA ALA B 130 -5.28 -14.24 19.59
C ALA B 130 -4.25 -13.46 18.77
N THR B 131 -4.34 -12.14 18.77
CA THR B 131 -3.50 -11.38 17.86
C THR B 131 -2.00 -11.31 18.17
N LYS B 132 -1.61 -11.27 19.43
CA LYS B 132 -0.18 -11.17 19.68
C LYS B 132 0.57 -12.43 19.28
N GLY B 133 -0.12 -13.57 19.30
CA GLY B 133 0.49 -14.82 18.88
C GLY B 133 0.54 -14.90 17.36
N VAL B 134 -0.09 -13.94 16.69
CA VAL B 134 -0.23 -13.97 15.25
C VAL B 134 0.57 -12.88 14.51
N LEU B 135 0.96 -11.83 15.21
CA LEU B 135 1.62 -10.70 14.57
C LEU B 135 2.98 -11.00 13.91
N LEU B 136 3.82 -11.76 14.59
CA LEU B 136 5.15 -11.98 14.05
C LEU B 136 5.13 -12.64 12.67
N PRO B 137 4.47 -13.79 12.51
CA PRO B 137 4.39 -14.44 11.19
C PRO B 137 3.66 -13.63 10.12
N LEU B 138 2.69 -12.81 10.50
CA LEU B 138 2.07 -11.92 9.53
C LEU B 138 3.14 -10.93 9.08
N LEU B 139 3.85 -10.40 10.07
CA LEU B 139 4.86 -9.40 9.79
C LEU B 139 5.93 -9.99 8.87
N GLN B 140 6.30 -11.24 9.13
CA GLN B 140 7.36 -11.92 8.35
C GLN B 140 6.90 -12.27 6.94
N ALA B 141 5.59 -12.26 6.73
CA ALA B 141 5.02 -12.51 5.42
C ALA B 141 4.81 -11.15 4.75
N GLN B 142 5.49 -10.14 5.28
CA GLN B 142 5.49 -8.80 4.69
C GLN B 142 4.14 -8.12 4.67
N GLN B 143 3.33 -8.33 5.71
CA GLN B 143 2.05 -7.66 5.81
C GLN B 143 2.26 -6.34 6.53
N ASN B 144 1.67 -5.28 6.00
CA ASN B 144 1.72 -3.99 6.66
C ASN B 144 0.48 -3.93 7.55
N ILE B 145 0.71 -3.86 8.86
CA ILE B 145 -0.38 -4.01 9.82
C ILE B 145 -0.83 -2.77 10.54
N VAL B 146 -2.14 -2.59 10.59
CA VAL B 146 -2.73 -1.55 11.41
C VAL B 146 -3.47 -2.28 12.53
N LEU B 147 -3.03 -2.09 13.77
CA LEU B 147 -3.65 -2.74 14.91
C LEU B 147 -4.57 -1.81 15.68
N ALA B 148 -5.86 -2.11 15.62
CA ALA B 148 -6.86 -1.32 16.29
C ALA B 148 -7.41 -2.04 17.52
N ASN B 149 -7.60 -1.29 18.59
CA ASN B 149 -8.20 -1.82 19.80
C ASN B 149 -9.01 -0.73 20.48
N ARG B 150 -10.05 -1.13 21.21
CA ARG B 150 -10.87 -0.16 21.93
C ARG B 150 -10.04 0.60 22.95
N THR B 151 -9.21 -0.12 23.71
CA THR B 151 -8.28 0.52 24.63
C THR B 151 -6.94 0.66 23.96
N PHE B 152 -6.47 1.90 23.86
CA PHE B 152 -5.24 2.23 23.13
C PHE B 152 -3.97 1.65 23.74
N SER B 153 -3.91 1.65 25.07
CA SER B 153 -2.73 1.18 25.80
C SER B 153 -2.29 -0.21 25.31
N LYS B 154 -3.26 -1.09 25.11
CA LYS B 154 -3.02 -2.45 24.69
C LYS B 154 -2.33 -2.54 23.32
N THR B 155 -2.89 -1.89 22.32
CA THR B 155 -2.30 -1.93 20.99
C THR B 155 -0.89 -1.32 20.97
N LYS B 156 -0.72 -0.19 21.65
CA LYS B 156 0.55 0.52 21.67
C LYS B 156 1.72 -0.32 22.17
N GLU B 157 1.51 -1.01 23.27
CA GLU B 157 2.54 -1.86 23.85
C GLU B 157 2.86 -3.02 22.90
N LEU B 158 1.82 -3.51 22.23
CA LEU B 158 1.96 -4.59 21.28
C LEU B 158 2.75 -4.11 20.07
N ALA B 159 2.45 -2.90 19.61
CA ALA B 159 3.15 -2.37 18.46
C ALA B 159 4.63 -2.18 18.75
N GLU B 160 4.96 -1.71 19.95
CA GLU B 160 6.36 -1.48 20.32
C GLU B 160 7.19 -2.76 20.24
N ARG B 161 6.61 -3.88 20.67
CA ARG B 161 7.30 -5.15 20.68
C ARG B 161 7.65 -5.67 19.28
N PHE B 162 6.70 -5.54 18.36
CA PHE B 162 6.87 -6.11 17.04
C PHE B 162 7.47 -5.15 16.01
N GLN B 163 7.72 -3.91 16.41
CA GLN B 163 8.24 -2.88 15.51
C GLN B 163 9.49 -3.24 14.72
N PRO B 164 10.41 -3.96 15.35
CA PRO B 164 11.66 -4.33 14.69
C PRO B 164 11.49 -5.34 13.55
N TYR B 165 10.28 -5.88 13.37
CA TYR B 165 10.07 -6.93 12.39
C TYR B 165 9.33 -6.49 11.14
N GLY B 166 8.73 -5.31 11.20
CA GLY B 166 8.03 -4.80 10.04
C GLY B 166 7.24 -3.54 10.29
N ASN B 167 6.45 -3.12 9.33
CA ASN B 167 5.65 -1.91 9.49
C ASN B 167 4.38 -2.24 10.25
N ILE B 168 4.32 -1.88 11.53
CA ILE B 168 3.12 -2.11 12.31
C ILE B 168 2.75 -0.87 13.13
N GLN B 169 1.47 -0.52 13.20
CA GLN B 169 1.12 0.65 14.00
C GLN B 169 -0.10 0.41 14.82
N ALA B 170 -0.17 1.13 15.95
CA ALA B 170 -1.30 1.01 16.85
C ALA B 170 -2.25 2.18 16.69
N VAL B 171 -3.54 1.89 16.63
CA VAL B 171 -4.54 2.95 16.53
C VAL B 171 -5.73 2.64 17.42
N SER B 172 -6.47 3.68 17.77
CA SER B 172 -7.66 3.49 18.57
C SER B 172 -8.79 3.12 17.63
N MET B 173 -9.61 2.17 18.03
CA MET B 173 -10.69 1.66 17.19
C MET B 173 -11.56 2.77 16.59
N ASP B 174 -11.64 3.90 17.27
CA ASP B 174 -12.45 5.00 16.79
C ASP B 174 -11.62 5.95 15.95
N SER B 175 -10.35 5.61 15.80
CA SER B 175 -9.41 6.46 15.10
C SER B 175 -8.69 5.68 13.98
N ILE B 176 -9.40 4.75 13.36
CA ILE B 176 -8.81 3.92 12.32
C ILE B 176 -8.54 4.70 11.04
N PRO B 177 -7.30 4.63 10.57
CA PRO B 177 -6.89 5.40 9.39
C PRO B 177 -7.75 5.07 8.18
N LEU B 178 -8.27 6.12 7.56
CA LEU B 178 -9.14 5.99 6.39
C LEU B 178 -8.32 5.68 5.15
N GLN B 179 -7.81 4.45 5.11
CA GLN B 179 -7.06 4.00 3.96
C GLN B 179 -7.67 2.71 3.47
N THR B 180 -7.27 2.31 2.28
CA THR B 180 -7.64 1.03 1.72
C THR B 180 -6.94 -0.11 2.46
N TYR B 181 -7.69 -1.18 2.72
CA TYR B 181 -7.16 -2.35 3.38
C TYR B 181 -7.37 -3.56 2.49
N ASP B 182 -6.32 -4.31 2.19
CA ASP B 182 -6.46 -5.55 1.41
C ASP B 182 -7.15 -6.62 2.24
N LEU B 183 -6.90 -6.58 3.55
CA LEU B 183 -7.43 -7.59 4.46
C LEU B 183 -7.82 -6.99 5.82
N VAL B 184 -8.99 -7.36 6.31
CA VAL B 184 -9.44 -6.98 7.64
C VAL B 184 -9.54 -8.29 8.43
N ILE B 185 -8.78 -8.41 9.51
CA ILE B 185 -8.86 -9.63 10.31
C ILE B 185 -9.58 -9.33 11.60
N ASN B 186 -10.59 -10.13 11.93
CA ASN B 186 -11.25 -9.92 13.19
C ASN B 186 -10.70 -10.84 14.25
N ALA B 187 -10.14 -10.26 15.31
CA ALA B 187 -9.61 -11.02 16.41
C ALA B 187 -10.61 -11.10 17.56
N THR B 188 -11.31 -9.99 17.79
CA THR B 188 -12.23 -9.82 18.91
C THR B 188 -13.27 -10.90 19.13
N SER B 189 -13.62 -11.06 20.40
CA SER B 189 -14.53 -12.11 20.84
C SER B 189 -16.01 -11.79 21.04
N ALA B 190 -16.74 -12.90 21.14
CA ALA B 190 -18.05 -13.04 21.78
C ALA B 190 -19.30 -12.28 21.34
N ALA B 197 -15.64 -7.23 17.40
CA ALA B 197 -16.40 -6.18 16.67
C ALA B 197 -15.94 -4.75 16.98
N SER B 198 -16.87 -3.93 17.48
CA SER B 198 -16.62 -2.54 17.92
C SER B 198 -16.26 -1.49 16.85
N VAL B 199 -16.68 -1.71 15.61
CA VAL B 199 -16.26 -0.80 14.54
C VAL B 199 -17.42 -0.24 13.72
N ASP B 200 -17.25 0.96 13.13
CA ASP B 200 -18.29 1.47 12.24
C ASP B 200 -18.07 0.91 10.86
N ALA B 201 -19.19 0.75 10.15
CA ALA B 201 -19.25 0.06 8.88
C ALA B 201 -18.51 0.66 7.69
N GLU B 202 -18.45 1.98 7.58
CA GLU B 202 -17.74 2.49 6.43
C GLU B 202 -16.34 1.93 6.52
N ILE B 203 -15.79 1.93 7.73
CA ILE B 203 -14.44 1.42 7.90
C ILE B 203 -14.30 0.06 7.25
N LEU B 204 -15.23 -0.85 7.52
CA LEU B 204 -15.20 -2.18 6.92
C LEU B 204 -15.32 -2.09 5.42
N LYS B 205 -15.97 -1.03 4.94
CA LYS B 205 -16.10 -0.82 3.51
C LYS B 205 -14.77 -0.30 2.89
N LEU B 206 -13.72 -0.22 3.71
CA LEU B 206 -12.41 0.12 3.17
C LEU B 206 -11.64 -1.16 2.85
N GLY B 207 -12.21 -2.30 3.25
CA GLY B 207 -11.56 -3.59 3.05
C GLY B 207 -11.95 -4.39 1.83
N SER B 208 -11.00 -5.16 1.29
CA SER B 208 -11.24 -6.01 0.13
C SER B 208 -11.49 -7.46 0.53
N ALA B 209 -11.17 -7.78 1.77
CA ALA B 209 -11.29 -9.15 2.28
C ALA B 209 -11.38 -9.16 3.79
N PHE B 210 -12.10 -10.15 4.30
CA PHE B 210 -12.46 -10.20 5.69
C PHE B 210 -12.33 -11.60 6.27
N TYR B 211 -11.47 -11.72 7.27
CA TYR B 211 -11.16 -12.98 7.90
C TYR B 211 -11.44 -12.92 9.39
N ASP B 212 -12.30 -13.81 9.86
CA ASP B 212 -12.62 -13.86 11.26
C ASP B 212 -11.81 -14.98 11.88
N MET B 213 -11.09 -14.68 12.95
CA MET B 213 -10.33 -15.73 13.61
C MET B 213 -11.28 -16.62 14.40
N GLN B 214 -12.56 -16.29 14.36
CA GLN B 214 -13.57 -17.10 15.00
C GLN B 214 -14.28 -17.94 13.95
N TYR B 215 -14.92 -19.00 14.40
CA TYR B 215 -15.74 -19.81 13.53
C TYR B 215 -16.89 -20.30 14.37
N ALA B 216 -18.02 -20.54 13.72
CA ALA B 216 -19.20 -21.04 14.41
C ALA B 216 -19.59 -22.33 13.71
N LYS B 217 -20.24 -23.22 14.44
CA LYS B 217 -20.68 -24.48 13.85
C LYS B 217 -21.89 -24.22 12.96
N GLY B 218 -21.72 -24.43 11.67
CA GLY B 218 -22.79 -24.22 10.72
C GLY B 218 -23.07 -22.76 10.39
N THR B 219 -23.68 -22.04 11.32
CA THR B 219 -24.03 -20.64 11.09
C THR B 219 -22.81 -19.74 10.79
N ASP B 220 -23.06 -18.46 10.54
CA ASP B 220 -22.00 -17.50 10.36
C ASP B 220 -21.65 -16.91 11.73
N THR B 221 -20.48 -16.29 11.84
CA THR B 221 -20.14 -15.59 13.06
C THR B 221 -20.80 -14.22 12.97
N PRO B 222 -20.91 -13.53 14.10
CA PRO B 222 -21.47 -12.16 14.12
C PRO B 222 -20.67 -11.24 13.22
N PHE B 223 -19.35 -11.39 13.20
CA PHE B 223 -18.51 -10.53 12.37
C PHE B 223 -18.80 -10.76 10.88
N ILE B 224 -18.83 -12.03 10.49
CA ILE B 224 -19.13 -12.39 9.11
C ILE B 224 -20.55 -11.98 8.74
N ALA B 225 -21.47 -12.09 9.68
CA ALA B 225 -22.85 -11.67 9.44
C ALA B 225 -22.86 -10.17 9.15
N LEU B 226 -22.09 -9.42 9.93
CA LEU B 226 -22.03 -7.98 9.73
C LEU B 226 -21.49 -7.64 8.32
N CYS B 227 -20.39 -8.27 7.94
CA CYS B 227 -19.81 -8.04 6.62
C CYS B 227 -20.84 -8.32 5.53
N LYS B 228 -21.47 -9.48 5.60
CA LYS B 228 -22.47 -9.85 4.60
C LYS B 228 -23.67 -8.88 4.53
N SER B 229 -24.09 -8.35 5.66
CA SER B 229 -25.21 -7.41 5.63
C SER B 229 -24.75 -6.07 5.05
N LEU B 230 -23.45 -5.82 5.09
CA LEU B 230 -22.90 -4.60 4.48
C LEU B 230 -22.61 -4.83 3.00
N GLY B 231 -22.92 -6.02 2.50
CA GLY B 231 -22.67 -6.33 1.11
C GLY B 231 -21.24 -6.79 0.86
N LEU B 232 -20.47 -6.93 1.93
CA LEU B 232 -19.10 -7.40 1.84
C LEU B 232 -19.15 -8.92 1.85
N THR B 233 -18.99 -9.52 0.68
CA THR B 233 -19.14 -10.97 0.54
C THR B 233 -17.85 -11.79 0.61
N ASN B 234 -16.74 -11.23 0.14
CA ASN B 234 -15.45 -11.92 0.16
C ASN B 234 -14.97 -12.22 1.60
N VAL B 235 -15.55 -13.25 2.21
CA VAL B 235 -15.33 -13.51 3.62
C VAL B 235 -14.91 -14.93 3.95
N SER B 236 -14.36 -15.12 5.14
CA SER B 236 -14.01 -16.45 5.62
C SER B 236 -13.92 -16.48 7.13
N ASP B 237 -14.24 -17.63 7.72
CA ASP B 237 -14.10 -17.80 9.15
C ASP B 237 -12.74 -18.42 9.42
N GLY B 238 -12.43 -18.72 10.68
CA GLY B 238 -11.09 -19.16 11.03
C GLY B 238 -10.90 -20.64 11.25
N PHE B 239 -11.85 -21.44 10.76
CA PHE B 239 -11.80 -22.89 10.94
C PHE B 239 -10.54 -23.45 10.31
N GLY B 240 -10.19 -22.91 9.14
CA GLY B 240 -8.97 -23.27 8.45
C GLY B 240 -7.73 -22.96 9.26
N MET B 241 -7.75 -21.85 10.00
CA MET B 241 -6.61 -21.47 10.83
C MET B 241 -6.44 -22.54 11.90
N LEU B 242 -7.56 -22.96 12.48
CA LEU B 242 -7.55 -23.98 13.53
C LEU B 242 -6.92 -25.30 13.08
N VAL B 243 -7.31 -25.78 11.90
CA VAL B 243 -6.76 -27.03 11.42
C VAL B 243 -5.29 -26.86 11.05
N ALA B 244 -4.94 -25.69 10.52
CA ALA B 244 -3.56 -25.42 10.16
C ALA B 244 -2.60 -25.40 11.37
N GLN B 245 -3.01 -24.76 12.46
CA GLN B 245 -2.20 -24.71 13.69
C GLN B 245 -1.94 -26.11 14.14
N ALA B 246 -3.00 -26.90 14.12
CA ALA B 246 -2.93 -28.27 14.57
C ALA B 246 -1.91 -29.04 13.73
N ALA B 247 -1.95 -28.84 12.42
CA ALA B 247 -1.02 -29.52 11.50
C ALA B 247 0.43 -29.14 11.77
N HIS B 248 0.66 -27.85 12.05
CA HIS B 248 2.01 -27.38 12.36
C HIS B 248 2.56 -27.97 13.66
N SER B 249 1.71 -28.07 14.68
CA SER B 249 2.16 -28.70 15.92
C SER B 249 2.45 -30.16 15.65
N PHE B 250 1.61 -30.76 14.82
CA PHE B 250 1.75 -32.16 14.47
C PHE B 250 3.11 -32.38 13.75
N HIS B 251 3.41 -31.50 12.80
CA HIS B 251 4.65 -31.59 12.05
C HIS B 251 5.86 -31.47 12.98
N LEU B 252 5.81 -30.51 13.89
CA LEU B 252 6.87 -30.35 14.90
C LEU B 252 7.07 -31.61 15.75
N TRP B 253 5.98 -32.22 16.19
CA TRP B 253 6.08 -33.43 16.99
C TRP B 253 6.53 -34.64 16.19
N ARG B 254 5.98 -34.82 14.98
CA ARG B 254 6.15 -36.05 14.22
C ARG B 254 7.15 -36.04 13.05
N GLY B 255 7.49 -34.87 12.55
CA GLY B 255 8.40 -34.77 11.42
C GLY B 255 7.71 -35.06 10.09
N VAL B 256 6.39 -35.03 10.10
CA VAL B 256 5.62 -35.28 8.90
C VAL B 256 4.50 -34.24 8.77
N MET B 257 4.47 -33.55 7.64
CA MET B 257 3.37 -32.62 7.42
C MET B 257 2.25 -33.46 6.84
N PRO B 258 1.12 -33.47 7.52
CA PRO B 258 -0.05 -34.21 7.07
C PRO B 258 -0.69 -33.34 6.02
N ASP B 259 -1.41 -33.91 5.07
CA ASP B 259 -2.03 -33.00 4.11
C ASP B 259 -3.09 -32.17 4.85
N PHE B 260 -2.91 -30.86 4.74
CA PHE B 260 -3.71 -29.89 5.48
C PHE B 260 -5.19 -29.85 5.01
N VAL B 261 -5.39 -29.76 3.70
CA VAL B 261 -6.74 -29.67 3.12
C VAL B 261 -7.77 -30.75 3.52
N SER B 262 -7.48 -32.02 3.24
CA SER B 262 -8.44 -33.12 3.41
C SER B 262 -9.22 -33.16 4.73
N VAL B 263 -8.51 -33.00 5.83
CA VAL B 263 -9.16 -33.07 7.13
C VAL B 263 -9.98 -31.81 7.32
N TYR B 264 -9.41 -30.70 6.84
CA TYR B 264 -10.13 -29.42 6.86
C TYR B 264 -11.46 -29.61 6.15
N GLU B 265 -11.42 -30.26 4.99
CA GLU B 265 -12.63 -30.53 4.22
C GLU B 265 -13.60 -31.49 4.90
N GLN B 266 -13.16 -32.70 5.21
CA GLN B 266 -14.05 -33.65 5.85
C GLN B 266 -14.70 -32.97 7.03
N LEU B 267 -13.89 -32.24 7.80
CA LEU B 267 -14.42 -31.54 8.96
C LEU B 267 -15.39 -30.45 8.50
N LYS B 268 -14.98 -29.65 7.54
CA LYS B 268 -15.87 -28.64 6.99
C LYS B 268 -17.21 -29.32 6.70
N LYS B 269 -17.18 -30.33 5.85
CA LYS B 269 -18.39 -31.06 5.48
C LYS B 269 -19.23 -31.52 6.67
N ALA B 270 -18.58 -32.18 7.63
CA ALA B 270 -19.28 -32.72 8.79
C ALA B 270 -20.13 -31.69 9.54
N MET B 271 -19.58 -30.50 9.75
CA MET B 271 -20.27 -29.46 10.49
C MET B 271 -21.54 -28.98 9.78
N LEU B 272 -21.47 -28.89 8.46
CA LEU B 272 -22.61 -28.41 7.68
C LEU B 272 -23.30 -29.55 6.93
#